data_1I4T
#
_entry.id   1I4T
#
_cell.length_a   112.746
_cell.length_b   112.746
_cell.length_c   68.178
_cell.angle_alpha   90.00
_cell.angle_beta   90.00
_cell.angle_gamma   90.00
#
_symmetry.space_group_name_H-M   'P 41'
#
loop_
_entity.id
_entity.type
_entity.pdbx_description
1 polymer 'ARFAPTIN 2'
2 polymer 'RAS-RELATED C3 BOTULINUM TOXIN SUBSTRATE 1'
3 non-polymer 'MAGNESIUM ION'
4 non-polymer 'PHOSPHOAMINOPHOSPHONIC ACID-GUANYLATE ESTER'
5 water water
#
loop_
_entity_poly.entity_id
_entity_poly.type
_entity_poly.pdbx_seq_one_letter_code
_entity_poly.pdbx_strand_id
1 'polypeptide(L)'
;GSRTVDLELELQIELLRETKRKYESVLQLGRALTAHLYSLLQTQHALGDAFADLSQKSPELQEEFGYNAETQKLLCKNGE
TLLGAVNFFVSSINTLVTKTMEDTLMTVKQYEAARLEYDAYRTDLEELSLGPRDAGTRGRLESAQATFQAHRDKYEKLRG
DVAIKLKFLEENKIKVMHKQLLLFHNAVSAYFAGNQKQLEQTLQQFNIKLRPPGAEKPSWLEEQ
;
A,B
2 'polypeptide(L)'
;MQAIKCVVVGDGAVGKTCLLISYTTNAFPGEYIPTVFDNYSANVMVDGKPVNLGLWDTAGLEDYDRLRPLSYPQTDVFLI
CFSLVSPASFENVRAKWYPEVRHHCPNTPIILVGTKLDLRDDKDTIEKLKEKKLTPITYPQGLAMAKEIGAVKYLECSAL
TQRGLKTVFDEAIRAVLCPPPVKKRKRKCLLL
;
D
#
# COMPACT_ATOMS: atom_id res chain seq x y z
N SER A 2 -39.66 31.20 -20.99
CA SER A 2 -38.83 31.69 -22.14
C SER A 2 -37.55 30.85 -22.28
N ARG A 3 -37.61 29.60 -21.84
CA ARG A 3 -36.43 28.74 -21.94
C ARG A 3 -36.68 27.48 -22.77
N THR A 4 -35.73 27.15 -23.63
CA THR A 4 -35.82 25.96 -24.47
C THR A 4 -35.51 24.71 -23.65
N VAL A 5 -36.40 23.73 -23.71
CA VAL A 5 -36.24 22.48 -22.98
C VAL A 5 -36.49 21.23 -23.83
N ASP A 6 -35.48 20.39 -23.96
CA ASP A 6 -35.62 19.14 -24.68
C ASP A 6 -35.76 18.18 -23.52
N LEU A 7 -36.96 18.13 -22.96
CA LEU A 7 -37.24 17.31 -21.79
C LEU A 7 -36.59 15.92 -21.72
N GLU A 8 -36.96 15.03 -22.62
CA GLU A 8 -36.41 13.67 -22.63
C GLU A 8 -34.89 13.64 -22.67
N LEU A 9 -34.31 14.46 -23.55
CA LEU A 9 -32.87 14.51 -23.72
C LEU A 9 -32.15 15.06 -22.47
N GLU A 10 -32.70 16.11 -21.87
CA GLU A 10 -32.08 16.71 -20.70
C GLU A 10 -32.17 15.77 -19.49
N LEU A 11 -33.22 14.96 -19.42
CA LEU A 11 -33.35 14.01 -18.34
C LEU A 11 -32.22 12.98 -18.49
N GLN A 12 -31.90 12.57 -19.71
CA GLN A 12 -30.82 11.60 -19.96
C GLN A 12 -29.43 12.18 -19.70
N ILE A 13 -29.28 13.47 -19.96
CA ILE A 13 -27.99 14.12 -19.71
C ILE A 13 -27.77 14.14 -18.19
N GLU A 14 -28.80 14.53 -17.43
CA GLU A 14 -28.69 14.54 -15.96
C GLU A 14 -28.36 13.12 -15.46
N LEU A 15 -29.03 12.09 -16.01
CA LEU A 15 -28.73 10.73 -15.57
C LEU A 15 -27.31 10.27 -15.91
N LEU A 16 -26.75 10.72 -17.04
CA LEU A 16 -25.39 10.35 -17.44
C LEU A 16 -24.38 11.06 -16.54
N ARG A 17 -24.67 12.30 -16.15
CA ARG A 17 -23.76 13.01 -15.25
C ARG A 17 -23.75 12.31 -13.89
N GLU A 18 -24.92 11.89 -13.43
CA GLU A 18 -25.04 11.21 -12.15
C GLU A 18 -24.31 9.84 -12.22
N THR A 19 -24.46 9.11 -13.32
CA THR A 19 -23.80 7.82 -13.48
C THR A 19 -22.27 7.97 -13.47
N LYS A 20 -21.76 8.98 -14.16
CA LYS A 20 -20.32 9.21 -14.22
C LYS A 20 -19.83 9.54 -12.83
N ARG A 21 -20.61 10.32 -12.10
CA ARG A 21 -20.28 10.69 -10.74
C ARG A 21 -20.13 9.40 -9.92
N LYS A 22 -21.13 8.53 -9.97
CA LYS A 22 -21.08 7.30 -9.20
C LYS A 22 -19.98 6.34 -9.66
N TYR A 23 -19.76 6.30 -10.97
CA TYR A 23 -18.72 5.43 -11.49
C TYR A 23 -17.35 5.90 -11.05
N GLU A 24 -17.12 7.20 -11.10
CA GLU A 24 -15.84 7.76 -10.69
C GLU A 24 -15.56 7.40 -9.22
N SER A 25 -16.64 7.30 -8.45
CA SER A 25 -16.56 6.95 -7.04
C SER A 25 -16.16 5.47 -6.84
N VAL A 26 -16.76 4.59 -7.63
CA VAL A 26 -16.44 3.16 -7.59
C VAL A 26 -14.98 3.03 -8.00
N LEU A 27 -14.59 3.88 -8.93
CA LEU A 27 -13.23 3.88 -9.46
C LEU A 27 -12.19 4.27 -8.40
N GLN A 28 -12.55 5.20 -7.51
CA GLN A 28 -11.63 5.65 -6.47
C GLN A 28 -11.48 4.52 -5.44
N LEU A 29 -12.59 3.85 -5.14
CA LEU A 29 -12.61 2.75 -4.20
C LEU A 29 -11.76 1.60 -4.74
N GLY A 30 -11.90 1.30 -6.03
CA GLY A 30 -11.11 0.25 -6.65
C GLY A 30 -9.62 0.51 -6.53
N ARG A 31 -9.23 1.77 -6.71
CA ARG A 31 -7.82 2.11 -6.60
C ARG A 31 -7.35 1.83 -5.17
N ALA A 32 -8.07 2.35 -4.19
CA ALA A 32 -7.72 2.13 -2.79
C ALA A 32 -7.67 0.62 -2.55
N LEU A 33 -8.61 -0.11 -3.14
CA LEU A 33 -8.66 -1.55 -2.99
C LEU A 33 -7.34 -2.14 -3.43
N THR A 34 -6.83 -1.63 -4.55
CA THR A 34 -5.56 -2.10 -5.09
C THR A 34 -4.36 -1.81 -4.18
N ALA A 35 -4.40 -0.69 -3.47
CA ALA A 35 -3.29 -0.32 -2.60
C ALA A 35 -3.27 -1.25 -1.39
N HIS A 36 -4.38 -1.25 -0.68
CA HIS A 36 -4.55 -2.06 0.51
C HIS A 36 -4.28 -3.54 0.24
N LEU A 37 -4.75 -4.04 -0.90
CA LEU A 37 -4.54 -5.44 -1.22
C LEU A 37 -3.04 -5.69 -1.36
N TYR A 38 -2.35 -4.77 -2.04
CA TYR A 38 -0.91 -4.84 -2.27
C TYR A 38 -0.14 -4.79 -0.94
N SER A 39 -0.60 -3.97 0.00
CA SER A 39 0.06 -3.88 1.30
C SER A 39 -0.14 -5.19 2.08
N LEU A 40 -1.35 -5.73 2.01
CA LEU A 40 -1.68 -6.95 2.72
C LEU A 40 -0.81 -8.09 2.19
N LEU A 41 -0.92 -8.32 0.89
CA LEU A 41 -0.18 -9.35 0.19
C LEU A 41 1.29 -9.44 0.66
N GLN A 42 1.96 -8.29 0.70
CA GLN A 42 3.36 -8.22 1.09
C GLN A 42 3.60 -8.69 2.50
N THR A 43 2.79 -8.20 3.43
CA THR A 43 2.90 -8.59 4.82
C THR A 43 2.84 -10.13 4.92
N GLN A 44 1.77 -10.69 4.40
CA GLN A 44 1.59 -12.13 4.46
C GLN A 44 2.85 -12.85 3.98
N HIS A 45 3.60 -12.20 3.09
CA HIS A 45 4.84 -12.79 2.58
C HIS A 45 5.89 -12.72 3.69
N ALA A 46 6.04 -11.54 4.28
CA ALA A 46 7.02 -11.35 5.35
C ALA A 46 6.65 -12.31 6.48
N LEU A 47 5.42 -12.17 6.95
CA LEU A 47 4.84 -12.98 8.01
C LEU A 47 5.17 -14.45 7.70
N GLY A 48 5.03 -14.83 6.44
CA GLY A 48 5.34 -16.21 6.07
C GLY A 48 6.78 -16.59 6.35
N ASP A 49 7.68 -15.63 6.27
CA ASP A 49 9.08 -15.89 6.52
C ASP A 49 9.38 -15.93 8.01
N ALA A 50 8.94 -14.88 8.72
CA ALA A 50 9.16 -14.80 10.15
C ALA A 50 8.71 -16.13 10.80
N PHE A 51 7.50 -16.56 10.48
CA PHE A 51 6.92 -17.77 11.01
C PHE A 51 7.76 -18.98 10.64
N ALA A 52 8.11 -19.11 9.37
CA ALA A 52 8.92 -20.22 8.90
C ALA A 52 10.27 -20.24 9.65
N ASP A 53 10.85 -19.05 9.85
CA ASP A 53 12.12 -18.96 10.58
C ASP A 53 11.93 -19.48 11.98
N LEU A 54 10.99 -18.88 12.70
CA LEU A 54 10.65 -19.27 14.07
C LEU A 54 10.35 -20.77 14.15
N SER A 55 9.81 -21.32 13.07
CA SER A 55 9.48 -22.73 13.04
C SER A 55 10.74 -23.59 13.22
N GLN A 56 11.82 -23.19 12.53
CA GLN A 56 13.08 -23.92 12.61
C GLN A 56 13.90 -23.64 13.85
N LYS A 57 13.85 -22.42 14.36
CA LYS A 57 14.59 -22.07 15.57
C LYS A 57 13.78 -22.30 16.85
N SER A 58 12.73 -23.12 16.76
CA SER A 58 11.89 -23.41 17.92
C SER A 58 11.25 -24.78 17.77
N PRO A 59 11.92 -25.84 18.24
CA PRO A 59 11.29 -27.15 18.08
C PRO A 59 10.06 -27.29 18.97
N GLU A 60 10.03 -26.55 20.07
CA GLU A 60 8.89 -26.61 20.98
C GLU A 60 7.61 -26.16 20.29
N LEU A 61 7.77 -25.36 19.25
CA LEU A 61 6.63 -24.85 18.51
C LEU A 61 6.80 -25.03 17.02
N GLN A 62 7.61 -26.01 16.63
CA GLN A 62 7.88 -26.27 15.21
C GLN A 62 6.62 -26.42 14.37
N GLU A 63 5.71 -27.29 14.79
CA GLU A 63 4.48 -27.54 14.06
C GLU A 63 3.51 -26.36 13.98
N GLU A 64 3.40 -25.60 15.08
CA GLU A 64 2.51 -24.46 15.14
C GLU A 64 2.94 -23.29 14.22
N PHE A 65 4.22 -22.92 14.26
CA PHE A 65 4.72 -21.84 13.41
C PHE A 65 4.67 -22.28 11.95
N GLY A 66 5.12 -23.50 11.68
CA GLY A 66 5.12 -24.00 10.31
C GLY A 66 3.75 -24.05 9.66
N TYR A 67 2.75 -24.43 10.44
CA TYR A 67 1.39 -24.52 9.95
C TYR A 67 0.97 -23.13 9.47
N ASN A 68 1.27 -22.10 10.26
CA ASN A 68 0.92 -20.73 9.92
C ASN A 68 1.75 -20.18 8.76
N ALA A 69 3.01 -20.61 8.67
CA ALA A 69 3.89 -20.14 7.61
C ALA A 69 3.36 -20.61 6.26
N GLU A 70 2.93 -21.85 6.21
CA GLU A 70 2.42 -22.39 4.99
C GLU A 70 1.15 -21.66 4.57
N THR A 71 0.32 -21.29 5.53
CA THR A 71 -0.93 -20.60 5.18
C THR A 71 -0.71 -19.18 4.67
N GLN A 72 0.13 -18.44 5.37
CA GLN A 72 0.43 -17.07 5.00
C GLN A 72 1.08 -17.06 3.61
N LYS A 73 1.83 -18.12 3.29
CA LYS A 73 2.50 -18.26 2.00
C LYS A 73 1.52 -18.57 0.89
N LEU A 74 0.58 -19.46 1.17
CA LEU A 74 -0.43 -19.83 0.19
C LEU A 74 -1.25 -18.59 -0.12
N LEU A 75 -1.80 -17.98 0.92
CA LEU A 75 -2.61 -16.79 0.76
C LEU A 75 -1.90 -15.74 -0.10
N CYS A 76 -0.65 -15.45 0.23
CA CYS A 76 0.11 -14.47 -0.54
C CYS A 76 0.03 -14.79 -2.01
N LYS A 77 0.25 -16.06 -2.35
CA LYS A 77 0.24 -16.50 -3.74
C LYS A 77 -1.12 -16.35 -4.44
N ASN A 78 -2.19 -16.69 -3.75
CA ASN A 78 -3.53 -16.56 -4.32
C ASN A 78 -3.96 -15.10 -4.40
N GLY A 79 -3.36 -14.29 -3.53
CA GLY A 79 -3.68 -12.87 -3.50
C GLY A 79 -2.98 -12.09 -4.58
N GLU A 80 -2.14 -12.77 -5.36
CA GLU A 80 -1.47 -12.11 -6.46
C GLU A 80 -2.43 -12.16 -7.63
N THR A 81 -3.14 -13.28 -7.74
CA THR A 81 -4.11 -13.48 -8.81
C THR A 81 -5.25 -12.49 -8.65
N LEU A 82 -5.61 -12.21 -7.39
CA LEU A 82 -6.68 -11.29 -7.10
C LEU A 82 -6.26 -9.88 -7.46
N LEU A 83 -5.15 -9.44 -6.90
CA LEU A 83 -4.67 -8.09 -7.16
C LEU A 83 -4.57 -7.83 -8.67
N GLY A 84 -4.37 -8.88 -9.45
CA GLY A 84 -4.27 -8.73 -10.88
C GLY A 84 -5.65 -8.44 -11.43
N ALA A 85 -6.60 -9.27 -11.06
CA ALA A 85 -7.98 -9.12 -11.49
C ALA A 85 -8.53 -7.71 -11.19
N VAL A 86 -8.22 -7.18 -10.00
CA VAL A 86 -8.70 -5.86 -9.61
C VAL A 86 -8.05 -4.75 -10.44
N ASN A 87 -6.77 -4.90 -10.79
CA ASN A 87 -6.10 -3.91 -11.62
C ASN A 87 -6.84 -3.86 -12.96
N PHE A 88 -7.27 -5.02 -13.43
CA PHE A 88 -7.99 -5.11 -14.68
C PHE A 88 -9.38 -4.41 -14.57
N PHE A 89 -10.04 -4.57 -13.43
CA PHE A 89 -11.34 -3.95 -13.18
C PHE A 89 -11.16 -2.43 -13.26
N VAL A 90 -10.30 -1.90 -12.41
CA VAL A 90 -10.01 -0.46 -12.38
C VAL A 90 -9.66 0.10 -13.79
N SER A 91 -8.63 -0.47 -14.41
CA SER A 91 -8.21 -0.05 -15.73
C SER A 91 -9.37 -0.01 -16.72
N SER A 92 -10.14 -1.08 -16.81
CA SER A 92 -11.27 -1.14 -17.73
C SER A 92 -12.30 -0.03 -17.52
N ILE A 93 -12.67 0.18 -16.26
CA ILE A 93 -13.67 1.20 -15.95
C ILE A 93 -13.09 2.59 -16.10
N ASN A 94 -11.78 2.74 -15.91
CA ASN A 94 -11.14 4.05 -16.06
C ASN A 94 -11.29 4.48 -17.53
N THR A 95 -11.15 3.54 -18.46
CA THR A 95 -11.31 3.87 -19.88
C THR A 95 -12.73 4.34 -20.20
N LEU A 96 -13.72 3.63 -19.66
CA LEU A 96 -15.12 3.93 -19.86
C LEU A 96 -15.47 5.36 -19.41
N VAL A 97 -15.11 5.70 -18.18
CA VAL A 97 -15.38 7.02 -17.61
C VAL A 97 -14.55 8.11 -18.29
N THR A 98 -13.24 7.96 -18.15
CA THR A 98 -12.21 8.87 -18.68
C THR A 98 -12.21 9.15 -20.18
N LYS A 99 -12.55 8.16 -20.99
CA LYS A 99 -12.55 8.32 -22.44
C LYS A 99 -13.93 8.19 -23.08
N THR A 100 -14.54 7.01 -23.04
CA THR A 100 -15.86 6.86 -23.65
C THR A 100 -16.88 7.91 -23.17
N MET A 101 -17.03 8.03 -21.84
CA MET A 101 -18.01 8.98 -21.30
C MET A 101 -17.63 10.43 -21.52
N GLU A 102 -16.33 10.70 -21.52
CA GLU A 102 -15.88 12.06 -21.75
C GLU A 102 -16.12 12.45 -23.20
N ASP A 103 -16.02 11.47 -24.10
CA ASP A 103 -16.25 11.80 -25.50
C ASP A 103 -17.67 12.34 -25.61
N THR A 104 -18.64 11.59 -25.09
CA THR A 104 -20.02 12.03 -25.15
C THR A 104 -20.24 13.36 -24.45
N LEU A 105 -19.77 13.49 -23.21
CA LEU A 105 -19.98 14.72 -22.48
C LEU A 105 -19.42 15.93 -23.22
N MET A 106 -18.36 15.71 -23.99
CA MET A 106 -17.75 16.80 -24.74
C MET A 106 -18.76 17.30 -25.75
N THR A 107 -19.59 16.39 -26.26
CA THR A 107 -20.60 16.74 -27.23
C THR A 107 -21.83 17.32 -26.52
N VAL A 108 -22.07 16.88 -25.29
CA VAL A 108 -23.19 17.40 -24.51
C VAL A 108 -22.95 18.89 -24.18
N LYS A 109 -21.69 19.25 -23.92
CA LYS A 109 -21.40 20.64 -23.59
C LYS A 109 -21.57 21.59 -24.78
N GLN A 110 -21.21 21.11 -25.96
CA GLN A 110 -21.36 21.93 -27.15
C GLN A 110 -22.86 22.19 -27.41
N TYR A 111 -23.68 21.15 -27.24
CA TYR A 111 -25.11 21.23 -27.43
C TYR A 111 -25.75 22.20 -26.43
N GLU A 112 -25.37 22.12 -25.16
CA GLU A 112 -25.96 23.02 -24.14
C GLU A 112 -25.60 24.49 -24.42
N ALA A 113 -24.34 24.71 -24.79
CA ALA A 113 -23.85 26.04 -25.10
C ALA A 113 -24.72 26.62 -26.22
N ALA A 114 -25.00 25.78 -27.22
CA ALA A 114 -25.83 26.14 -28.37
C ALA A 114 -27.29 26.38 -27.95
N ARG A 115 -27.80 25.60 -27.01
CA ARG A 115 -29.18 25.75 -26.54
C ARG A 115 -29.28 27.12 -25.85
N LEU A 116 -28.35 27.43 -24.96
CA LEU A 116 -28.35 28.73 -24.26
C LEU A 116 -28.13 29.94 -25.17
N GLU A 117 -27.27 29.84 -26.19
CA GLU A 117 -27.10 31.00 -27.04
C GLU A 117 -28.37 31.24 -27.86
N TYR A 118 -29.05 30.16 -28.21
CA TYR A 118 -30.29 30.28 -28.98
C TYR A 118 -31.35 30.92 -28.10
N ASP A 119 -31.36 30.59 -26.81
CA ASP A 119 -32.32 31.22 -25.92
C ASP A 119 -32.02 32.73 -25.80
N ALA A 120 -30.76 33.09 -25.62
CA ALA A 120 -30.37 34.51 -25.52
C ALA A 120 -30.75 35.28 -26.79
N TYR A 121 -30.55 34.62 -27.94
CA TYR A 121 -30.88 35.18 -29.23
C TYR A 121 -32.37 35.57 -29.32
N ARG A 122 -33.28 34.63 -29.05
CA ARG A 122 -34.68 35.00 -29.16
C ARG A 122 -35.10 36.01 -28.11
N THR A 123 -34.49 35.92 -26.94
CA THR A 123 -34.82 36.86 -25.89
C THR A 123 -34.41 38.27 -26.34
N ASP A 124 -33.27 38.38 -27.01
CA ASP A 124 -32.81 39.67 -27.50
C ASP A 124 -33.80 40.19 -28.56
N LEU A 125 -34.34 39.26 -29.34
CA LEU A 125 -35.28 39.60 -30.40
C LEU A 125 -36.55 40.22 -29.84
N GLU A 126 -37.04 39.69 -28.73
CA GLU A 126 -38.25 40.19 -28.08
C GLU A 126 -38.09 41.59 -27.49
N GLU A 127 -37.03 41.79 -26.72
CA GLU A 127 -36.77 43.07 -26.11
C GLU A 127 -36.23 44.07 -27.12
N LEU A 128 -36.45 43.78 -28.40
CA LEU A 128 -36.00 44.64 -29.48
C LEU A 128 -37.28 44.98 -30.23
N SER A 129 -38.21 44.03 -30.19
CA SER A 129 -39.50 44.17 -30.82
C SER A 129 -40.33 45.11 -29.96
N LEU A 130 -40.16 44.98 -28.64
CA LEU A 130 -40.86 45.84 -27.69
C LEU A 130 -40.19 47.20 -27.77
N GLY A 131 -40.08 47.68 -29.01
CA GLY A 131 -39.49 48.97 -29.32
C GLY A 131 -40.15 49.49 -30.59
N PRO A 132 -39.36 49.92 -31.60
CA PRO A 132 -39.90 50.45 -32.87
C PRO A 132 -40.67 49.46 -33.73
N ARG A 133 -41.24 48.44 -33.10
CA ARG A 133 -42.02 47.39 -33.77
C ARG A 133 -41.30 46.57 -34.83
N ASP A 134 -41.74 45.33 -34.93
CA ASP A 134 -41.28 44.30 -35.86
C ASP A 134 -41.85 43.05 -35.21
N ALA A 135 -43.04 42.66 -35.63
CA ALA A 135 -43.70 41.49 -35.07
C ALA A 135 -44.11 40.53 -36.18
N GLY A 136 -43.18 40.27 -37.11
CA GLY A 136 -43.47 39.38 -38.21
C GLY A 136 -42.86 38.01 -38.02
N ARG A 152 -30.41 28.50 -34.20
CA ARG A 152 -31.36 27.40 -34.25
C ARG A 152 -30.77 26.20 -35.02
N ASP A 153 -30.17 26.41 -36.18
CA ASP A 153 -29.60 25.27 -36.89
C ASP A 153 -28.47 24.60 -36.10
N LYS A 154 -27.57 25.41 -35.56
CA LYS A 154 -26.43 24.91 -34.78
C LYS A 154 -26.97 24.11 -33.58
N TYR A 155 -27.99 24.66 -32.93
CA TYR A 155 -28.61 24.01 -31.77
C TYR A 155 -29.24 22.67 -32.17
N GLU A 156 -30.03 22.70 -33.24
CA GLU A 156 -30.71 21.49 -33.72
C GLU A 156 -29.75 20.39 -34.20
N LYS A 157 -28.70 20.79 -34.90
CA LYS A 157 -27.74 19.83 -35.38
C LYS A 157 -27.06 19.19 -34.15
N LEU A 158 -26.56 20.03 -33.25
CA LEU A 158 -25.90 19.52 -32.06
C LEU A 158 -26.88 18.67 -31.27
N ARG A 159 -28.13 19.11 -31.18
CA ARG A 159 -29.09 18.31 -30.44
C ARG A 159 -29.19 16.86 -30.97
N GLY A 160 -29.12 16.70 -32.28
CA GLY A 160 -29.18 15.37 -32.87
C GLY A 160 -27.91 14.59 -32.61
N ASP A 161 -26.77 15.26 -32.71
CA ASP A 161 -25.49 14.61 -32.45
C ASP A 161 -25.48 13.94 -31.06
N VAL A 162 -25.89 14.65 -30.02
CA VAL A 162 -25.84 14.04 -28.70
C VAL A 162 -26.81 12.90 -28.55
N ALA A 163 -27.97 13.00 -29.19
CA ALA A 163 -28.97 11.94 -29.09
C ALA A 163 -28.38 10.61 -29.56
N ILE A 164 -27.60 10.67 -30.63
CA ILE A 164 -26.98 9.50 -31.18
C ILE A 164 -25.89 8.98 -30.24
N LYS A 165 -25.02 9.87 -29.78
CA LYS A 165 -23.95 9.48 -28.85
C LYS A 165 -24.45 8.88 -27.55
N LEU A 166 -25.52 9.43 -26.99
CA LEU A 166 -26.08 8.89 -25.76
C LEU A 166 -26.54 7.46 -25.99
N LYS A 167 -27.05 7.18 -27.19
CA LYS A 167 -27.53 5.85 -27.49
C LYS A 167 -26.38 4.84 -27.61
N PHE A 168 -25.34 5.20 -28.36
CA PHE A 168 -24.21 4.29 -28.49
C PHE A 168 -23.58 4.11 -27.12
N LEU A 169 -23.33 5.23 -26.45
CA LEU A 169 -22.72 5.20 -25.12
C LEU A 169 -23.43 4.25 -24.16
N GLU A 170 -24.75 4.30 -24.11
CA GLU A 170 -25.50 3.46 -23.20
C GLU A 170 -25.35 1.98 -23.54
N GLU A 171 -25.33 1.67 -24.83
CA GLU A 171 -25.17 0.30 -25.32
C GLU A 171 -23.82 -0.25 -24.89
N ASN A 172 -22.79 0.58 -25.04
CA ASN A 172 -21.44 0.19 -24.69
C ASN A 172 -21.25 0.10 -23.16
N LYS A 173 -21.92 0.96 -22.42
CA LYS A 173 -21.82 1.00 -20.96
C LYS A 173 -22.30 -0.33 -20.40
N ILE A 174 -23.42 -0.80 -20.92
CA ILE A 174 -23.97 -2.08 -20.48
C ILE A 174 -23.03 -3.27 -20.76
N LYS A 175 -22.44 -3.36 -21.95
CA LYS A 175 -21.53 -4.46 -22.28
C LYS A 175 -20.28 -4.48 -21.41
N VAL A 176 -19.61 -3.33 -21.33
CA VAL A 176 -18.40 -3.21 -20.54
C VAL A 176 -18.64 -3.53 -19.07
N MET A 177 -19.65 -2.90 -18.49
CA MET A 177 -19.96 -3.14 -17.08
C MET A 177 -20.43 -4.56 -16.84
N HIS A 178 -21.19 -5.12 -17.77
CA HIS A 178 -21.66 -6.47 -17.55
C HIS A 178 -20.49 -7.45 -17.48
N LYS A 179 -19.49 -7.23 -18.32
CA LYS A 179 -18.33 -8.07 -18.32
C LYS A 179 -17.45 -7.81 -17.10
N GLN A 180 -17.15 -6.53 -16.84
CA GLN A 180 -16.29 -6.19 -15.72
C GLN A 180 -16.85 -6.62 -14.37
N LEU A 181 -18.16 -6.48 -14.18
CA LEU A 181 -18.79 -6.87 -12.93
C LEU A 181 -18.76 -8.39 -12.77
N LEU A 182 -19.01 -9.10 -13.87
CA LEU A 182 -19.00 -10.57 -13.88
C LEU A 182 -17.62 -11.13 -13.47
N LEU A 183 -16.57 -10.66 -14.15
CA LEU A 183 -15.21 -11.11 -13.86
C LEU A 183 -14.73 -10.68 -12.47
N PHE A 184 -14.91 -9.41 -12.15
CA PHE A 184 -14.50 -8.92 -10.83
C PHE A 184 -15.12 -9.84 -9.78
N HIS A 185 -16.40 -10.11 -9.92
CA HIS A 185 -17.10 -10.96 -8.97
C HIS A 185 -16.50 -12.35 -8.89
N ASN A 186 -16.19 -12.93 -10.05
CA ASN A 186 -15.62 -14.27 -10.08
C ASN A 186 -14.26 -14.31 -9.39
N ALA A 187 -13.41 -13.34 -9.68
CA ALA A 187 -12.08 -13.26 -9.09
C ALA A 187 -12.23 -13.24 -7.58
N VAL A 188 -13.09 -12.34 -7.09
CA VAL A 188 -13.34 -12.21 -5.66
C VAL A 188 -13.80 -13.55 -5.10
N SER A 189 -14.61 -14.28 -5.85
CA SER A 189 -15.09 -15.56 -5.36
C SER A 189 -13.94 -16.58 -5.42
N ALA A 190 -13.22 -16.62 -6.53
CA ALA A 190 -12.10 -17.55 -6.69
C ALA A 190 -11.04 -17.36 -5.62
N TYR A 191 -10.93 -16.15 -5.05
CA TYR A 191 -9.94 -15.91 -4.01
C TYR A 191 -10.43 -16.51 -2.69
N PHE A 192 -11.14 -17.62 -2.79
CA PHE A 192 -11.67 -18.34 -1.63
C PHE A 192 -11.83 -19.81 -1.98
N ALA A 193 -12.18 -20.07 -3.24
CA ALA A 193 -12.37 -21.42 -3.73
C ALA A 193 -11.03 -22.15 -3.76
N GLY A 194 -10.11 -21.66 -4.58
CA GLY A 194 -8.79 -22.27 -4.67
C GLY A 194 -8.00 -22.02 -3.41
N ASN A 195 -8.55 -21.18 -2.53
CA ASN A 195 -7.89 -20.83 -1.28
C ASN A 195 -8.43 -21.70 -0.15
N GLN A 196 -9.47 -22.47 -0.45
CA GLN A 196 -10.10 -23.36 0.52
C GLN A 196 -9.58 -24.79 0.45
N VAL B 5 30.79 -14.19 33.68
CA VAL B 5 30.92 -15.39 34.56
C VAL B 5 29.95 -16.48 34.09
N ASP B 6 29.28 -17.12 35.04
CA ASP B 6 28.29 -18.18 34.78
C ASP B 6 27.69 -18.28 33.38
N LEU B 7 28.21 -19.23 32.60
CA LEU B 7 27.78 -19.48 31.22
C LEU B 7 26.31 -19.79 30.97
N GLU B 8 25.81 -20.88 31.55
CA GLU B 8 24.43 -21.30 31.38
C GLU B 8 23.44 -20.13 31.32
N LEU B 9 23.28 -19.41 32.42
CA LEU B 9 22.37 -18.27 32.48
C LEU B 9 22.55 -17.32 31.31
N GLU B 10 23.81 -16.93 31.08
CA GLU B 10 24.17 -16.01 30.02
C GLU B 10 24.35 -16.77 28.71
N LEU B 11 23.28 -17.39 28.25
CA LEU B 11 23.27 -18.17 27.02
C LEU B 11 21.79 -18.44 26.94
N GLN B 12 21.17 -18.32 28.10
CA GLN B 12 19.76 -18.51 28.31
C GLN B 12 19.19 -17.10 28.16
N ILE B 13 19.99 -16.12 28.58
CA ILE B 13 19.61 -14.70 28.51
C ILE B 13 19.90 -14.19 27.11
N GLU B 14 20.92 -14.73 26.46
CA GLU B 14 21.24 -14.29 25.10
C GLU B 14 20.20 -14.85 24.13
N LEU B 15 19.41 -15.81 24.60
CA LEU B 15 18.39 -16.39 23.74
C LEU B 15 17.01 -15.83 24.06
N LEU B 16 16.87 -15.21 25.22
CA LEU B 16 15.60 -14.58 25.61
C LEU B 16 15.54 -13.24 24.90
N ARG B 17 16.69 -12.79 24.41
CA ARG B 17 16.79 -11.51 23.70
C ARG B 17 16.62 -11.73 22.19
N GLU B 18 17.26 -12.75 21.63
CA GLU B 18 17.07 -12.99 20.22
C GLU B 18 15.59 -13.32 20.04
N THR B 19 15.02 -14.03 21.01
CA THR B 19 13.61 -14.38 20.93
C THR B 19 12.75 -13.15 21.11
N LYS B 20 13.02 -12.36 22.15
CA LYS B 20 12.24 -11.14 22.38
C LYS B 20 12.26 -10.31 21.10
N ARG B 21 13.28 -10.53 20.28
CA ARG B 21 13.45 -9.80 19.03
C ARG B 21 12.55 -10.32 17.91
N LYS B 22 12.69 -11.60 17.58
CA LYS B 22 11.89 -12.20 16.53
C LYS B 22 10.40 -11.99 16.81
N TYR B 23 10.03 -12.01 18.07
CA TYR B 23 8.64 -11.82 18.47
C TYR B 23 8.27 -10.35 18.37
N GLU B 24 9.29 -9.49 18.39
CA GLU B 24 9.07 -8.05 18.28
C GLU B 24 8.85 -7.75 16.80
N SER B 25 9.63 -8.43 15.95
CA SER B 25 9.53 -8.29 14.51
C SER B 25 8.26 -8.97 14.00
N VAL B 26 7.71 -9.88 14.79
CA VAL B 26 6.47 -10.55 14.40
C VAL B 26 5.36 -9.61 14.83
N LEU B 27 5.60 -8.91 15.93
CA LEU B 27 4.64 -7.98 16.47
C LEU B 27 4.49 -6.80 15.51
N GLN B 28 5.54 -6.53 14.75
CA GLN B 28 5.48 -5.44 13.78
C GLN B 28 4.59 -5.89 12.62
N LEU B 29 5.02 -6.94 11.92
CA LEU B 29 4.25 -7.48 10.81
C LEU B 29 2.80 -7.70 11.22
N GLY B 30 2.56 -7.81 12.53
CA GLY B 30 1.21 -8.03 13.02
C GLY B 30 0.40 -6.75 13.09
N ARG B 31 1.06 -5.66 13.46
CA ARG B 31 0.39 -4.37 13.55
C ARG B 31 0.05 -3.93 12.13
N ALA B 32 0.95 -4.23 11.22
CA ALA B 32 0.75 -3.90 9.83
C ALA B 32 -0.47 -4.66 9.33
N LEU B 33 -0.47 -5.97 9.56
CA LEU B 33 -1.56 -6.82 9.14
C LEU B 33 -2.88 -6.23 9.58
N THR B 34 -2.92 -5.76 10.82
CA THR B 34 -4.13 -5.14 11.36
C THR B 34 -4.53 -3.95 10.50
N ALA B 35 -3.60 -3.01 10.38
CA ALA B 35 -3.77 -1.77 9.62
C ALA B 35 -4.32 -2.02 8.22
N HIS B 36 -3.52 -2.70 7.41
CA HIS B 36 -3.90 -2.99 6.06
C HIS B 36 -5.23 -3.72 5.95
N LEU B 37 -5.56 -4.52 6.96
CA LEU B 37 -6.81 -5.27 6.96
C LEU B 37 -7.99 -4.37 7.27
N TYR B 38 -7.77 -3.42 8.18
CA TYR B 38 -8.82 -2.49 8.55
C TYR B 38 -9.21 -1.68 7.32
N SER B 39 -8.20 -1.16 6.63
CA SER B 39 -8.41 -0.36 5.42
C SER B 39 -9.26 -1.11 4.43
N LEU B 40 -8.91 -2.36 4.18
CA LEU B 40 -9.61 -3.19 3.25
C LEU B 40 -11.11 -3.34 3.55
N LEU B 41 -11.49 -3.28 4.83
CA LEU B 41 -12.90 -3.44 5.18
C LEU B 41 -13.65 -2.15 4.90
N GLN B 42 -12.98 -1.02 5.13
CA GLN B 42 -13.59 0.30 4.88
C GLN B 42 -13.97 0.41 3.40
N THR B 43 -13.02 0.05 2.56
CA THR B 43 -13.21 0.10 1.13
C THR B 43 -14.31 -0.87 0.70
N GLN B 44 -14.30 -2.05 1.31
CA GLN B 44 -15.30 -3.05 0.98
C GLN B 44 -16.70 -2.59 1.42
N HIS B 45 -16.75 -1.95 2.59
CA HIS B 45 -18.00 -1.44 3.11
C HIS B 45 -18.54 -0.39 2.13
N ALA B 46 -17.68 0.55 1.76
CA ALA B 46 -18.01 1.63 0.83
C ALA B 46 -18.37 1.09 -0.56
N LEU B 47 -17.67 0.05 -0.99
CA LEU B 47 -17.91 -0.51 -2.31
C LEU B 47 -19.26 -1.22 -2.41
N GLY B 48 -19.68 -1.87 -1.34
CA GLY B 48 -20.95 -2.56 -1.35
C GLY B 48 -22.11 -1.56 -1.37
N ASP B 49 -21.92 -0.41 -0.70
CA ASP B 49 -22.95 0.62 -0.68
C ASP B 49 -23.05 1.22 -2.09
N ALA B 50 -21.89 1.60 -2.63
CA ALA B 50 -21.86 2.16 -3.96
C ALA B 50 -22.51 1.17 -4.94
N PHE B 51 -22.29 -0.13 -4.73
CA PHE B 51 -22.88 -1.15 -5.61
C PHE B 51 -24.39 -1.31 -5.45
N ALA B 52 -24.85 -1.29 -4.20
CA ALA B 52 -26.27 -1.41 -3.91
C ALA B 52 -27.05 -0.25 -4.55
N ASP B 53 -26.53 0.96 -4.37
CA ASP B 53 -27.14 2.15 -4.92
C ASP B 53 -27.29 2.07 -6.42
N LEU B 54 -26.18 1.74 -7.08
CA LEU B 54 -26.13 1.61 -8.52
C LEU B 54 -27.13 0.52 -8.94
N SER B 55 -27.24 -0.54 -8.14
CA SER B 55 -28.17 -1.62 -8.44
C SER B 55 -29.62 -1.13 -8.47
N GLN B 56 -30.00 -0.29 -7.53
CA GLN B 56 -31.38 0.24 -7.50
C GLN B 56 -31.61 1.27 -8.59
N LYS B 57 -30.59 2.08 -8.83
CA LYS B 57 -30.65 3.15 -9.81
C LYS B 57 -30.37 2.74 -11.25
N SER B 58 -29.87 1.52 -11.46
CA SER B 58 -29.55 1.07 -12.81
C SER B 58 -30.23 -0.24 -13.23
N PRO B 59 -31.47 -0.18 -13.72
CA PRO B 59 -32.08 -1.44 -14.11
C PRO B 59 -31.32 -2.25 -15.18
N GLU B 60 -30.66 -1.58 -16.13
CA GLU B 60 -29.90 -2.31 -17.18
C GLU B 60 -28.86 -3.28 -16.58
N LEU B 61 -28.28 -2.91 -15.46
CA LEU B 61 -27.27 -3.73 -14.81
C LEU B 61 -27.66 -4.00 -13.36
N GLN B 62 -28.93 -4.37 -13.13
CA GLN B 62 -29.41 -4.60 -11.78
C GLN B 62 -28.85 -5.83 -11.08
N GLU B 63 -28.76 -6.93 -11.81
CA GLU B 63 -28.24 -8.17 -11.22
C GLU B 63 -26.75 -8.06 -10.89
N GLU B 64 -25.98 -7.65 -11.89
CA GLU B 64 -24.54 -7.49 -11.77
C GLU B 64 -24.11 -6.61 -10.59
N PHE B 65 -24.76 -5.45 -10.41
CA PHE B 65 -24.39 -4.59 -9.30
C PHE B 65 -24.96 -5.23 -8.04
N GLY B 66 -26.05 -5.96 -8.21
CA GLY B 66 -26.70 -6.64 -7.11
C GLY B 66 -25.84 -7.66 -6.40
N TYR B 67 -25.37 -8.68 -7.12
CA TYR B 67 -24.54 -9.70 -6.45
C TYR B 67 -23.18 -9.20 -6.04
N ASN B 68 -22.69 -8.14 -6.68
CA ASN B 68 -21.41 -7.63 -6.27
C ASN B 68 -21.55 -6.95 -4.95
N ALA B 69 -22.67 -6.28 -4.76
CA ALA B 69 -22.95 -5.58 -3.50
C ALA B 69 -23.05 -6.60 -2.34
N GLU B 70 -23.84 -7.64 -2.54
CA GLU B 70 -23.99 -8.65 -1.50
C GLU B 70 -22.64 -9.23 -1.11
N THR B 71 -21.89 -9.71 -2.10
CA THR B 71 -20.59 -10.31 -1.86
C THR B 71 -19.69 -9.39 -1.03
N GLN B 72 -19.57 -8.17 -1.48
CA GLN B 72 -18.74 -7.21 -0.80
C GLN B 72 -19.22 -7.07 0.64
N LYS B 73 -20.53 -7.16 0.84
CA LYS B 73 -21.09 -7.02 2.18
C LYS B 73 -20.80 -8.18 3.12
N LEU B 74 -21.07 -9.40 2.69
CA LEU B 74 -20.80 -10.54 3.56
C LEU B 74 -19.31 -10.54 3.85
N LEU B 75 -18.55 -10.20 2.82
CA LEU B 75 -17.10 -10.15 2.94
C LEU B 75 -16.70 -9.19 4.05
N CYS B 76 -17.35 -8.04 4.11
CA CYS B 76 -17.00 -7.05 5.13
C CYS B 76 -17.37 -7.59 6.52
N LYS B 77 -18.53 -8.25 6.59
CA LYS B 77 -19.01 -8.86 7.82
C LYS B 77 -17.99 -9.85 8.37
N ASN B 78 -17.66 -10.86 7.56
CA ASN B 78 -16.68 -11.88 7.94
C ASN B 78 -15.35 -11.22 8.34
N GLY B 79 -14.90 -10.27 7.52
CA GLY B 79 -13.65 -9.58 7.79
C GLY B 79 -13.57 -8.93 9.15
N GLU B 80 -14.70 -8.49 9.69
CA GLU B 80 -14.63 -7.86 11.00
C GLU B 80 -14.30 -8.89 12.06
N THR B 81 -14.84 -10.10 11.87
CA THR B 81 -14.56 -11.18 12.81
C THR B 81 -13.07 -11.49 12.71
N LEU B 82 -12.57 -11.69 11.49
CA LEU B 82 -11.15 -11.99 11.31
C LEU B 82 -10.29 -10.93 11.97
N LEU B 83 -10.71 -9.67 11.83
CA LEU B 83 -9.97 -8.56 12.39
C LEU B 83 -9.96 -8.65 13.92
N GLY B 84 -11.06 -9.13 14.49
CA GLY B 84 -11.13 -9.28 15.93
C GLY B 84 -10.03 -10.24 16.32
N ALA B 85 -10.00 -11.39 15.69
CA ALA B 85 -9.01 -12.41 15.96
C ALA B 85 -7.59 -11.88 15.84
N VAL B 86 -7.28 -11.25 14.71
CA VAL B 86 -5.95 -10.69 14.49
C VAL B 86 -5.59 -9.67 15.58
N ASN B 87 -6.57 -8.89 16.03
CA ASN B 87 -6.31 -7.90 17.06
C ASN B 87 -5.92 -8.61 18.35
N PHE B 88 -6.67 -9.67 18.66
CA PHE B 88 -6.41 -10.46 19.86
C PHE B 88 -5.02 -11.10 19.79
N PHE B 89 -4.65 -11.60 18.62
CA PHE B 89 -3.37 -12.24 18.43
C PHE B 89 -2.31 -11.25 18.85
N VAL B 90 -2.15 -10.21 18.05
CA VAL B 90 -1.16 -9.17 18.29
C VAL B 90 -1.15 -8.67 19.74
N SER B 91 -2.31 -8.37 20.28
CA SER B 91 -2.39 -7.90 21.66
C SER B 91 -1.69 -8.88 22.58
N SER B 92 -2.26 -10.07 22.71
CA SER B 92 -1.72 -11.13 23.58
C SER B 92 -0.22 -11.31 23.43
N ILE B 93 0.25 -11.44 22.21
CA ILE B 93 1.68 -11.59 21.99
C ILE B 93 2.39 -10.36 22.55
N ASN B 94 1.73 -9.21 22.41
CA ASN B 94 2.26 -7.94 22.91
C ASN B 94 2.43 -8.00 24.44
N THR B 95 1.48 -8.63 25.12
CA THR B 95 1.55 -8.76 26.58
C THR B 95 2.78 -9.61 26.93
N LEU B 96 2.93 -10.71 26.21
CA LEU B 96 4.05 -11.61 26.45
C LEU B 96 5.37 -10.96 26.13
N VAL B 97 5.32 -9.75 25.58
CA VAL B 97 6.56 -9.06 25.21
C VAL B 97 6.85 -7.83 26.09
N THR B 98 5.85 -6.96 26.22
CA THR B 98 6.00 -5.74 27.02
C THR B 98 5.96 -5.93 28.53
N LYS B 99 5.38 -7.04 28.99
CA LYS B 99 5.30 -7.30 30.42
C LYS B 99 6.03 -8.56 30.85
N THR B 100 5.37 -9.70 30.69
CA THR B 100 5.92 -10.99 31.07
C THR B 100 7.41 -11.14 30.76
N MET B 101 7.83 -10.73 29.57
CA MET B 101 9.24 -10.83 29.22
C MET B 101 10.09 -9.70 29.81
N GLU B 102 9.51 -8.51 29.92
CA GLU B 102 10.23 -7.39 30.50
C GLU B 102 10.49 -7.72 31.96
N ASP B 103 9.44 -8.15 32.67
CA ASP B 103 9.55 -8.52 34.07
C ASP B 103 10.72 -9.47 34.31
N THR B 104 11.00 -10.31 33.32
CA THR B 104 12.11 -11.26 33.40
C THR B 104 13.39 -10.55 32.99
N LEU B 105 13.29 -9.67 32.00
CA LEU B 105 14.47 -8.95 31.53
C LEU B 105 14.93 -7.86 32.49
N MET B 106 14.04 -7.45 33.39
CA MET B 106 14.37 -6.42 34.38
C MET B 106 15.19 -7.00 35.52
N THR B 107 14.80 -8.19 35.97
CA THR B 107 15.52 -8.83 37.06
C THR B 107 16.86 -9.30 36.52
N VAL B 108 17.04 -9.15 35.21
CA VAL B 108 18.29 -9.53 34.55
C VAL B 108 19.24 -8.32 34.58
N LYS B 109 18.68 -7.12 34.38
CA LYS B 109 19.48 -5.91 34.41
C LYS B 109 20.03 -5.75 35.82
N GLN B 110 19.21 -6.13 36.80
CA GLN B 110 19.59 -6.09 38.21
C GLN B 110 20.71 -7.10 38.39
N TYR B 111 20.41 -8.35 38.06
CA TYR B 111 21.37 -9.43 38.15
C TYR B 111 22.71 -9.01 37.54
N GLU B 112 22.66 -8.28 36.43
CA GLU B 112 23.87 -7.83 35.75
C GLU B 112 24.54 -6.68 36.51
N ALA B 113 23.74 -5.89 37.21
CA ALA B 113 24.26 -4.77 38.00
C ALA B 113 25.08 -5.37 39.13
N ALA B 114 24.76 -6.61 39.45
CA ALA B 114 25.45 -7.36 40.49
C ALA B 114 25.90 -8.66 39.83
N ARG B 115 26.48 -8.55 38.64
CA ARG B 115 26.95 -9.71 37.87
C ARG B 115 28.44 -9.66 37.54
N LEU B 116 28.84 -8.61 36.85
CA LEU B 116 30.23 -8.44 36.46
C LEU B 116 31.04 -7.89 37.61
N GLU B 117 30.37 -7.24 38.55
CA GLU B 117 31.01 -6.66 39.73
C GLU B 117 31.79 -7.68 40.55
N TYR B 118 31.25 -8.91 40.65
CA TYR B 118 31.93 -9.96 41.41
C TYR B 118 33.10 -10.52 40.60
N ASP B 119 32.97 -10.47 39.27
CA ASP B 119 34.02 -10.94 38.39
C ASP B 119 35.04 -9.82 38.18
N ALA B 120 34.56 -8.59 38.35
CA ALA B 120 35.40 -7.41 38.21
C ALA B 120 36.18 -7.23 39.50
N TYR B 121 35.46 -7.03 40.61
CA TYR B 121 36.08 -6.85 41.93
C TYR B 121 37.05 -7.99 42.24
N ARG B 122 36.98 -9.04 41.42
CA ARG B 122 37.85 -10.20 41.58
C ARG B 122 39.18 -9.96 40.88
N THR B 123 39.12 -9.59 39.59
CA THR B 123 40.33 -9.31 38.82
C THR B 123 40.92 -7.99 39.33
N ASP B 124 40.08 -7.21 40.01
CA ASP B 124 40.47 -5.92 40.57
C ASP B 124 41.22 -6.12 41.88
N LEU B 125 40.49 -6.52 42.92
CA LEU B 125 41.09 -6.73 44.23
C LEU B 125 42.03 -7.94 44.21
N GLU B 126 42.32 -8.41 43.00
CA GLU B 126 43.23 -9.54 42.79
C GLU B 126 44.62 -8.93 42.73
N GLU B 127 44.68 -7.69 42.22
CA GLU B 127 45.94 -6.98 42.10
C GLU B 127 46.54 -6.65 43.47
N LEU B 128 45.67 -6.35 44.44
CA LEU B 128 46.15 -6.07 45.80
C LEU B 128 45.98 -7.35 46.59
N SER B 129 47.08 -8.06 46.80
CA SER B 129 47.07 -9.32 47.53
C SER B 129 48.48 -9.91 47.51
N LEU B 130 49.13 -9.91 48.66
CA LEU B 130 50.49 -10.45 48.81
C LEU B 130 51.58 -9.55 48.27
N GLY B 131 52.06 -8.62 49.10
CA GLY B 131 53.13 -7.73 48.69
C GLY B 131 54.41 -8.23 49.34
N PRO B 132 54.81 -7.61 50.47
CA PRO B 132 56.03 -8.02 51.17
C PRO B 132 56.07 -9.52 51.49
N ARG B 152 26.69 -9.00 51.21
CA ARG B 152 27.50 -9.44 50.09
C ARG B 152 27.46 -10.96 49.91
N ASP B 153 26.50 -11.43 49.11
CA ASP B 153 26.35 -12.85 48.85
C ASP B 153 25.06 -13.11 48.09
N LYS B 154 24.22 -12.08 47.94
CA LYS B 154 22.95 -12.23 47.26
C LYS B 154 23.02 -11.96 45.77
N TYR B 155 24.21 -12.18 45.22
CA TYR B 155 24.49 -12.07 43.80
C TYR B 155 23.85 -13.36 43.34
N GLU B 156 23.64 -14.23 44.33
CA GLU B 156 23.05 -15.54 44.15
C GLU B 156 21.57 -15.49 44.51
N LYS B 157 21.14 -14.41 45.16
CA LYS B 157 19.73 -14.27 45.50
C LYS B 157 19.08 -13.77 44.21
N LEU B 158 19.79 -12.88 43.52
CA LEU B 158 19.32 -12.35 42.24
C LEU B 158 19.54 -13.45 41.22
N ARG B 159 20.53 -14.31 41.50
CA ARG B 159 20.83 -15.44 40.63
C ARG B 159 19.59 -16.31 40.51
N GLY B 160 18.90 -16.47 41.63
CA GLY B 160 17.70 -17.27 41.65
C GLY B 160 16.60 -16.53 40.91
N ASP B 161 16.71 -15.20 40.90
CA ASP B 161 15.76 -14.35 40.23
C ASP B 161 16.29 -14.02 38.83
N VAL B 162 16.58 -15.06 38.07
CA VAL B 162 17.09 -14.91 36.71
C VAL B 162 17.26 -16.31 36.15
N ALA B 163 16.93 -17.28 36.99
CA ALA B 163 17.01 -18.69 36.62
C ALA B 163 15.62 -19.29 36.84
N ILE B 164 15.01 -18.94 37.96
CA ILE B 164 13.68 -19.43 38.31
C ILE B 164 12.61 -18.47 37.78
N LYS B 165 13.04 -17.27 37.41
CA LYS B 165 12.17 -16.24 36.86
C LYS B 165 12.20 -16.46 35.36
N LEU B 166 13.32 -16.98 34.90
CA LEU B 166 13.57 -17.24 33.49
C LEU B 166 12.87 -18.50 32.99
N LYS B 167 13.23 -19.63 33.57
CA LYS B 167 12.66 -20.90 33.17
C LYS B 167 11.12 -20.88 33.27
N PHE B 168 10.59 -20.13 34.22
CA PHE B 168 9.14 -20.03 34.36
C PHE B 168 8.57 -19.21 33.20
N LEU B 169 9.44 -18.43 32.56
CA LEU B 169 9.01 -17.61 31.43
C LEU B 169 8.85 -18.47 30.17
N GLU B 170 9.79 -19.39 29.95
CA GLU B 170 9.73 -20.28 28.80
C GLU B 170 8.49 -21.18 28.80
N GLU B 171 8.03 -21.59 29.96
CA GLU B 171 6.84 -22.43 29.99
C GLU B 171 5.69 -21.56 29.49
N ASN B 172 5.70 -20.30 29.91
CA ASN B 172 4.68 -19.35 29.50
C ASN B 172 4.75 -19.09 27.99
N LYS B 173 5.97 -18.96 27.46
CA LYS B 173 6.11 -18.74 26.03
C LYS B 173 5.29 -19.82 25.34
N ILE B 174 5.67 -21.07 25.60
CA ILE B 174 5.00 -22.22 25.01
C ILE B 174 3.49 -22.17 25.18
N LYS B 175 3.04 -21.92 26.41
CA LYS B 175 1.61 -21.90 26.68
C LYS B 175 0.87 -20.85 25.85
N VAL B 176 1.35 -19.61 25.88
CA VAL B 176 0.72 -18.53 25.13
C VAL B 176 0.82 -18.72 23.62
N MET B 177 2.04 -18.89 23.12
CA MET B 177 2.23 -19.06 21.69
C MET B 177 1.50 -20.24 21.10
N HIS B 178 1.46 -21.37 21.82
CA HIS B 178 0.78 -22.54 21.30
C HIS B 178 -0.68 -22.21 21.02
N LYS B 179 -1.34 -21.61 22.00
CA LYS B 179 -2.74 -21.23 21.87
C LYS B 179 -2.91 -20.09 20.85
N GLN B 180 -2.11 -19.04 21.02
CA GLN B 180 -2.19 -17.89 20.14
C GLN B 180 -1.99 -18.27 18.68
N LEU B 181 -0.98 -19.09 18.42
CA LEU B 181 -0.70 -19.51 17.06
C LEU B 181 -1.89 -20.27 16.45
N LEU B 182 -2.60 -21.03 17.28
CA LEU B 182 -3.74 -21.81 16.80
C LEU B 182 -5.05 -21.04 16.55
N LEU B 183 -5.34 -20.06 17.39
CA LEU B 183 -6.55 -19.28 17.23
C LEU B 183 -6.41 -18.51 15.94
N PHE B 184 -5.25 -17.87 15.79
CA PHE B 184 -4.92 -17.09 14.63
C PHE B 184 -5.17 -17.91 13.38
N HIS B 185 -4.54 -19.08 13.29
CA HIS B 185 -4.71 -19.93 12.12
C HIS B 185 -6.14 -20.37 11.88
N ASN B 186 -6.85 -20.79 12.92
CA ASN B 186 -8.23 -21.18 12.72
C ASN B 186 -9.04 -20.01 12.22
N ALA B 187 -8.80 -18.85 12.79
CA ALA B 187 -9.49 -17.63 12.41
C ALA B 187 -9.32 -17.37 10.91
N VAL B 188 -8.07 -17.43 10.42
CA VAL B 188 -7.82 -17.20 8.99
C VAL B 188 -8.64 -18.23 8.23
N SER B 189 -8.50 -19.48 8.63
CA SER B 189 -9.22 -20.58 8.02
C SER B 189 -10.73 -20.34 8.03
N ALA B 190 -11.29 -20.06 9.20
CA ALA B 190 -12.73 -19.81 9.34
C ALA B 190 -13.11 -18.74 8.34
N TYR B 191 -12.33 -17.68 8.32
CA TYR B 191 -12.55 -16.56 7.41
C TYR B 191 -12.92 -17.07 6.03
N PHE B 192 -12.06 -17.90 5.46
CA PHE B 192 -12.32 -18.41 4.11
C PHE B 192 -13.41 -19.45 4.02
N ALA B 193 -13.62 -20.19 5.09
CA ALA B 193 -14.66 -21.21 5.13
C ALA B 193 -16.02 -20.51 5.15
N GLY B 194 -16.19 -19.60 6.12
CA GLY B 194 -17.44 -18.87 6.21
C GLY B 194 -17.75 -18.15 4.91
N ASN B 195 -16.71 -17.58 4.29
CA ASN B 195 -16.91 -16.87 3.03
C ASN B 195 -17.47 -17.81 1.99
N GLN B 196 -16.67 -18.77 1.54
CA GLN B 196 -17.10 -19.71 0.51
C GLN B 196 -18.46 -20.33 0.83
N LYS B 197 -18.72 -20.53 2.12
CA LYS B 197 -19.99 -21.09 2.57
C LYS B 197 -21.12 -20.16 2.15
N GLN B 198 -21.19 -19.01 2.82
CA GLN B 198 -22.20 -17.99 2.57
C GLN B 198 -22.17 -17.51 1.12
N LEU B 199 -21.00 -17.66 0.49
CA LEU B 199 -20.78 -17.26 -0.89
C LEU B 199 -21.28 -18.34 -1.84
N GLU B 200 -22.26 -19.09 -1.39
CA GLU B 200 -22.84 -20.16 -2.19
C GLU B 200 -24.32 -20.32 -1.89
N GLN B 201 -24.75 -19.67 -0.82
CA GLN B 201 -26.15 -19.70 -0.42
C GLN B 201 -26.97 -18.87 -1.41
N THR B 202 -26.28 -18.39 -2.46
CA THR B 202 -26.90 -17.58 -3.50
C THR B 202 -27.02 -18.40 -4.79
N GLN C 2 -7.19 15.59 -10.03
CA GLN C 2 -6.83 14.49 -10.92
C GLN C 2 -6.02 13.47 -10.13
N ALA C 3 -6.10 12.21 -10.53
CA ALA C 3 -5.40 11.13 -9.84
C ALA C 3 -4.16 10.66 -10.59
N ILE C 4 -3.00 10.80 -9.96
CA ILE C 4 -1.74 10.36 -10.55
C ILE C 4 -1.11 9.28 -9.67
N LYS C 5 -0.65 8.20 -10.30
CA LYS C 5 -0.02 7.10 -9.57
C LYS C 5 1.50 7.05 -9.74
N CYS C 6 2.22 7.34 -8.65
CA CYS C 6 3.67 7.30 -8.69
C CYS C 6 4.24 6.17 -7.84
N VAL C 7 5.06 5.32 -8.47
CA VAL C 7 5.68 4.19 -7.78
C VAL C 7 7.20 4.38 -7.68
N VAL C 8 7.71 4.22 -6.46
CA VAL C 8 9.13 4.35 -6.17
C VAL C 8 9.77 2.97 -6.06
N VAL C 9 10.71 2.68 -6.96
CA VAL C 9 11.44 1.41 -6.96
C VAL C 9 12.93 1.70 -6.80
N GLY C 10 13.75 0.66 -6.77
CA GLY C 10 15.19 0.88 -6.61
C GLY C 10 15.84 0.12 -5.47
N ASP C 11 16.94 -0.55 -5.80
CA ASP C 11 17.73 -1.37 -4.86
C ASP C 11 17.39 -1.11 -3.40
N GLY C 12 17.06 -2.18 -2.67
CA GLY C 12 16.75 -2.03 -1.27
C GLY C 12 17.88 -1.38 -0.50
N ALA C 13 17.53 -0.66 0.57
CA ALA C 13 18.49 0.03 1.43
C ALA C 13 18.80 1.45 0.97
N VAL C 14 18.33 1.80 -0.24
CA VAL C 14 18.56 3.12 -0.81
C VAL C 14 17.85 4.25 -0.08
N GLY C 15 16.64 3.99 0.42
CA GLY C 15 15.90 5.02 1.13
C GLY C 15 14.57 5.40 0.51
N LYS C 16 13.94 4.45 -0.18
CA LYS C 16 12.64 4.70 -0.82
C LYS C 16 11.55 4.99 0.22
N THR C 17 11.55 4.23 1.31
CA THR C 17 10.56 4.43 2.36
C THR C 17 10.78 5.76 3.07
N CYS C 18 12.04 6.06 3.40
CA CYS C 18 12.36 7.33 4.06
C CYS C 18 12.04 8.49 3.13
N LEU C 19 12.11 8.21 1.83
CA LEU C 19 11.84 9.20 0.79
C LEU C 19 10.35 9.58 0.78
N LEU C 20 9.49 8.62 1.11
CA LEU C 20 8.04 8.83 1.10
C LEU C 20 7.44 9.30 2.42
N ILE C 21 8.05 8.93 3.53
CA ILE C 21 7.57 9.32 4.85
C ILE C 21 8.06 10.73 5.17
N SER C 22 9.28 11.04 4.73
CA SER C 22 9.87 12.36 4.92
C SER C 22 9.00 13.36 4.17
N TYR C 23 8.79 13.08 2.89
CA TYR C 23 8.01 13.91 2.01
C TYR C 23 6.55 14.12 2.40
N THR C 24 5.90 13.08 2.90
CA THR C 24 4.48 13.18 3.25
C THR C 24 4.16 13.59 4.69
N THR C 25 5.00 13.18 5.64
CA THR C 25 4.73 13.52 7.03
C THR C 25 5.80 14.44 7.63
N ASN C 26 6.87 14.68 6.89
CA ASN C 26 7.95 15.53 7.37
C ASN C 26 8.59 15.02 8.66
N ALA C 27 9.09 13.79 8.59
CA ALA C 27 9.76 13.13 9.71
C ALA C 27 10.55 11.95 9.14
N PHE C 28 11.77 11.74 9.62
CA PHE C 28 12.58 10.63 9.13
C PHE C 28 11.97 9.33 9.66
N PRO C 29 11.89 8.28 8.82
CA PRO C 29 11.30 7.00 9.24
C PRO C 29 12.00 6.42 10.43
N GLY C 30 13.06 7.09 10.89
CA GLY C 30 13.77 6.62 12.05
C GLY C 30 12.80 6.48 13.20
N GLU C 31 13.29 6.49 14.43
CA GLU C 31 12.43 6.33 15.59
C GLU C 31 11.42 5.19 15.37
N TYR C 32 11.91 3.96 15.43
CA TYR C 32 11.11 2.72 15.29
C TYR C 32 10.87 2.10 13.90
N ILE C 33 10.91 2.90 12.82
CA ILE C 33 10.64 2.38 11.47
C ILE C 33 9.14 2.00 11.45
N PRO C 34 8.27 2.93 11.01
CA PRO C 34 6.80 2.85 10.91
C PRO C 34 6.07 2.03 9.84
N THR C 35 4.96 1.40 10.26
CA THR C 35 4.06 0.52 9.48
C THR C 35 4.55 0.03 8.11
N VAL C 36 5.04 -1.20 8.10
CA VAL C 36 5.58 -1.85 6.94
C VAL C 36 4.62 -2.03 5.76
N PHE C 37 5.18 -2.10 4.56
CA PHE C 37 4.44 -2.27 3.32
C PHE C 37 3.30 -1.29 3.11
N ASP C 38 3.35 -0.19 3.85
CA ASP C 38 2.31 0.82 3.74
C ASP C 38 2.53 1.68 2.48
N ASN C 39 1.45 2.32 2.02
CA ASN C 39 1.53 3.18 0.85
C ASN C 39 1.17 4.60 1.29
N TYR C 40 1.60 5.59 0.52
CA TYR C 40 1.33 6.97 0.89
C TYR C 40 0.72 7.80 -0.24
N SER C 41 0.01 8.85 0.12
CA SER C 41 -0.61 9.74 -0.86
C SER C 41 -0.46 11.17 -0.39
N ALA C 42 -0.64 12.11 -1.30
CA ALA C 42 -0.51 13.53 -0.96
C ALA C 42 -1.34 14.42 -1.88
N ASN C 43 -1.89 15.49 -1.31
CA ASN C 43 -2.67 16.45 -2.06
C ASN C 43 -1.79 17.69 -2.24
N VAL C 44 -1.51 18.04 -3.49
CA VAL C 44 -0.67 19.20 -3.76
C VAL C 44 -1.23 20.14 -4.82
N MET C 45 -0.94 21.44 -4.65
CA MET C 45 -1.38 22.48 -5.58
C MET C 45 -0.24 22.74 -6.58
N VAL C 46 -0.38 22.20 -7.79
CA VAL C 46 0.63 22.39 -8.83
C VAL C 46 0.13 23.41 -9.85
N ASP C 47 0.48 24.67 -9.63
CA ASP C 47 0.08 25.77 -10.52
C ASP C 47 -1.44 25.91 -10.57
N GLY C 48 -2.01 26.43 -9.49
CA GLY C 48 -3.45 26.62 -9.40
C GLY C 48 -4.26 25.39 -9.71
N LYS C 49 -3.63 24.23 -9.64
CA LYS C 49 -4.30 22.97 -9.95
C LYS C 49 -4.30 21.99 -8.78
N PRO C 50 -5.45 21.37 -8.50
CA PRO C 50 -5.60 20.39 -7.41
C PRO C 50 -5.19 18.99 -7.87
N VAL C 51 -4.13 18.44 -7.30
CA VAL C 51 -3.65 17.10 -7.67
C VAL C 51 -3.64 16.09 -6.52
N ASN C 52 -4.22 14.92 -6.78
CA ASN C 52 -4.27 13.84 -5.80
C ASN C 52 -3.11 12.90 -6.17
N LEU C 53 -2.02 12.99 -5.41
CA LEU C 53 -0.85 12.16 -5.70
C LEU C 53 -0.71 10.85 -4.93
N GLY C 54 -0.84 9.74 -5.66
CA GLY C 54 -0.71 8.43 -5.06
C GLY C 54 0.72 7.92 -5.16
N LEU C 55 1.28 7.58 -4.00
CA LEU C 55 2.65 7.10 -3.93
C LEU C 55 2.75 5.63 -3.49
N TRP C 56 3.31 4.79 -4.35
CA TRP C 56 3.48 3.37 -4.07
C TRP C 56 4.91 2.98 -3.70
N ASP C 57 5.04 2.34 -2.54
CA ASP C 57 6.35 1.90 -2.06
C ASP C 57 6.56 0.44 -2.47
N THR C 58 7.82 0.06 -2.62
CA THR C 58 8.15 -1.30 -3.00
C THR C 58 9.25 -1.86 -2.12
N ALA C 59 9.61 -3.11 -2.39
CA ALA C 59 10.66 -3.81 -1.66
C ALA C 59 11.82 -4.06 -2.65
N GLY C 60 13.05 -3.85 -2.20
CA GLY C 60 14.19 -4.02 -3.09
C GLY C 60 14.94 -5.35 -3.09
N LEU C 61 14.55 -6.27 -2.22
CA LEU C 61 15.23 -7.56 -2.14
C LEU C 61 14.59 -8.59 -3.07
N GLU C 62 15.43 -9.31 -3.82
CA GLU C 62 14.99 -10.34 -4.78
C GLU C 62 13.72 -11.08 -4.41
N ASP C 63 13.59 -11.41 -3.14
CA ASP C 63 12.44 -12.15 -2.62
C ASP C 63 11.06 -11.58 -2.97
N TYR C 64 10.98 -10.29 -3.21
CA TYR C 64 9.71 -9.66 -3.54
C TYR C 64 9.56 -9.43 -5.05
N ASP C 65 10.45 -10.02 -5.84
CA ASP C 65 10.42 -9.89 -7.28
C ASP C 65 9.13 -10.41 -7.91
N ARG C 66 8.60 -11.48 -7.37
CA ARG C 66 7.38 -12.05 -7.92
C ARG C 66 6.14 -11.16 -7.77
N LEU C 67 5.95 -10.56 -6.59
CA LEU C 67 4.78 -9.72 -6.40
C LEU C 67 5.01 -8.22 -6.43
N ARG C 68 5.98 -7.78 -7.23
CA ARG C 68 6.26 -6.34 -7.35
C ARG C 68 5.50 -5.79 -8.54
N PRO C 69 5.60 -6.45 -9.69
CA PRO C 69 4.88 -5.97 -10.89
C PRO C 69 3.37 -5.81 -10.69
N LEU C 70 2.84 -6.39 -9.62
CA LEU C 70 1.41 -6.31 -9.33
C LEU C 70 0.99 -4.89 -9.00
N SER C 71 1.94 -4.08 -8.57
CA SER C 71 1.67 -2.69 -8.22
C SER C 71 1.91 -1.76 -9.40
N TYR C 72 2.56 -2.28 -10.45
CA TYR C 72 2.88 -1.49 -11.62
C TYR C 72 1.69 -1.06 -12.50
N PRO C 73 0.74 -1.97 -12.76
CA PRO C 73 -0.38 -1.57 -13.60
C PRO C 73 -1.05 -0.24 -13.26
N GLN C 74 -1.43 0.50 -14.30
CA GLN C 74 -2.08 1.81 -14.15
C GLN C 74 -1.18 2.86 -13.51
N THR C 75 0.13 2.81 -13.79
CA THR C 75 1.06 3.80 -13.23
C THR C 75 1.22 5.00 -14.16
N ASP C 76 1.54 6.15 -13.57
CA ASP C 76 1.70 7.38 -14.33
C ASP C 76 3.13 7.94 -14.34
N VAL C 77 3.99 7.37 -13.50
CA VAL C 77 5.37 7.84 -13.41
C VAL C 77 6.20 7.04 -12.41
N PHE C 78 7.33 6.51 -12.88
CA PHE C 78 8.22 5.72 -12.03
C PHE C 78 9.42 6.51 -11.50
N LEU C 79 9.87 6.15 -10.31
CA LEU C 79 11.02 6.80 -9.68
C LEU C 79 12.09 5.74 -9.32
N ILE C 80 13.01 5.46 -10.24
CA ILE C 80 14.08 4.50 -9.97
C ILE C 80 15.07 5.18 -9.03
N CYS C 81 15.32 4.58 -7.87
CA CYS C 81 16.22 5.17 -6.89
C CYS C 81 17.53 4.41 -6.70
N PHE C 82 18.53 5.11 -6.18
CA PHE C 82 19.85 4.56 -5.89
C PHE C 82 20.55 5.50 -4.91
N SER C 83 21.50 4.99 -4.15
CA SER C 83 22.21 5.82 -3.17
C SER C 83 23.53 6.34 -3.70
N LEU C 84 23.72 7.66 -3.56
CA LEU C 84 24.93 8.34 -4.00
C LEU C 84 26.13 7.88 -3.16
N VAL C 85 25.84 7.20 -2.05
CA VAL C 85 26.87 6.69 -1.15
C VAL C 85 27.07 5.20 -1.42
N SER C 86 26.26 4.64 -2.33
CA SER C 86 26.35 3.22 -2.66
C SER C 86 26.56 2.94 -4.15
N PRO C 87 27.83 2.85 -4.57
CA PRO C 87 28.12 2.59 -5.98
C PRO C 87 27.50 1.30 -6.49
N ALA C 88 27.50 0.25 -5.66
CA ALA C 88 26.95 -1.04 -6.03
C ALA C 88 25.49 -0.90 -6.48
N SER C 89 24.74 -0.06 -5.78
CA SER C 89 23.34 0.18 -6.10
C SER C 89 23.22 0.82 -7.48
N PHE C 90 23.75 2.04 -7.59
CA PHE C 90 23.74 2.80 -8.82
C PHE C 90 23.81 1.91 -10.07
N GLU C 91 24.77 0.98 -10.07
CA GLU C 91 24.94 0.09 -11.21
C GLU C 91 23.67 -0.71 -11.50
N ASN C 92 23.00 -1.17 -10.45
CA ASN C 92 21.77 -1.95 -10.60
C ASN C 92 20.63 -1.16 -11.22
N VAL C 93 20.81 0.16 -11.31
CA VAL C 93 19.80 1.04 -11.91
C VAL C 93 19.54 0.59 -13.34
N ARG C 94 20.60 0.16 -14.02
CA ARG C 94 20.51 -0.30 -15.40
C ARG C 94 20.44 -1.82 -15.40
N ALA C 95 21.15 -2.42 -14.44
CA ALA C 95 21.22 -3.87 -14.31
C ALA C 95 19.88 -4.54 -14.04
N LYS C 96 19.12 -4.01 -13.08
CA LYS C 96 17.85 -4.62 -12.70
C LYS C 96 16.58 -3.79 -12.90
N TRP C 97 16.55 -2.60 -12.32
CA TRP C 97 15.38 -1.74 -12.39
C TRP C 97 14.92 -1.27 -13.77
N TYR C 98 15.78 -0.59 -14.51
CA TYR C 98 15.42 -0.11 -15.84
C TYR C 98 14.76 -1.20 -16.68
N PRO C 99 15.38 -2.39 -16.77
CA PRO C 99 14.78 -3.46 -17.56
C PRO C 99 13.41 -3.93 -17.05
N GLU C 100 13.27 -4.08 -15.74
CA GLU C 100 12.01 -4.55 -15.16
C GLU C 100 10.85 -3.58 -15.39
N VAL C 101 11.01 -2.35 -14.90
CA VAL C 101 9.97 -1.35 -15.06
C VAL C 101 9.47 -1.31 -16.51
N ARG C 102 10.40 -1.41 -17.45
CA ARG C 102 10.05 -1.41 -18.88
C ARG C 102 9.42 -2.72 -19.35
N HIS C 103 9.89 -3.83 -18.78
CA HIS C 103 9.36 -5.15 -19.12
C HIS C 103 7.85 -5.15 -18.93
N HIS C 104 7.37 -4.32 -18.02
CA HIS C 104 5.95 -4.23 -17.74
C HIS C 104 5.28 -3.01 -18.33
N CYS C 105 5.90 -1.84 -18.17
CA CYS C 105 5.33 -0.61 -18.70
C CYS C 105 6.29 0.14 -19.61
N PRO C 106 6.46 -0.37 -20.84
CA PRO C 106 7.36 0.26 -21.83
C PRO C 106 6.64 1.40 -22.54
N ASN C 107 6.46 2.52 -21.85
CA ASN C 107 5.78 3.71 -22.38
C ASN C 107 5.49 4.68 -21.24
N THR C 108 5.98 4.38 -20.05
CA THR C 108 5.77 5.21 -18.86
C THR C 108 6.99 6.08 -18.56
N PRO C 109 6.77 7.36 -18.23
CA PRO C 109 7.87 8.27 -17.90
C PRO C 109 8.61 7.85 -16.63
N ILE C 110 9.93 7.77 -16.73
CA ILE C 110 10.79 7.39 -15.62
C ILE C 110 11.67 8.57 -15.23
N ILE C 111 11.99 8.67 -13.94
CA ILE C 111 12.80 9.75 -13.40
C ILE C 111 13.80 9.13 -12.45
N LEU C 112 15.06 9.48 -12.63
CA LEU C 112 16.12 8.93 -11.78
C LEU C 112 16.32 9.84 -10.58
N VAL C 113 16.56 9.25 -9.40
CA VAL C 113 16.76 10.04 -8.19
C VAL C 113 17.98 9.57 -7.41
N GLY C 114 18.70 10.53 -6.85
CA GLY C 114 19.89 10.22 -6.06
C GLY C 114 19.58 10.32 -4.59
N THR C 115 19.22 9.19 -3.98
CA THR C 115 18.88 9.17 -2.56
C THR C 115 20.14 9.21 -1.70
N LYS C 116 20.09 10.04 -0.66
CA LYS C 116 21.20 10.22 0.28
C LYS C 116 22.27 11.12 -0.31
N LEU C 117 21.92 12.40 -0.49
CA LEU C 117 22.82 13.40 -1.05
C LEU C 117 23.68 14.02 0.05
N ASP C 118 23.40 13.63 1.30
CA ASP C 118 24.14 14.13 2.45
C ASP C 118 25.40 13.31 2.74
N LEU C 119 25.26 11.98 2.84
CA LEU C 119 26.38 11.11 3.11
C LEU C 119 27.31 11.00 1.91
N ARG C 120 27.50 12.12 1.23
CA ARG C 120 28.36 12.20 0.06
C ARG C 120 29.57 13.08 0.39
N ASP C 121 29.37 13.97 1.35
CA ASP C 121 30.43 14.88 1.79
C ASP C 121 30.58 14.82 3.31
N ASP C 122 30.51 13.61 3.86
CA ASP C 122 30.64 13.44 5.32
C ASP C 122 31.86 12.61 5.70
N LYS C 123 32.44 12.95 6.85
CA LYS C 123 33.63 12.30 7.39
C LYS C 123 33.40 10.95 8.06
N ASP C 124 33.50 9.89 7.28
CA ASP C 124 33.33 8.51 7.76
C ASP C 124 33.08 7.59 6.58
N THR C 125 31.90 7.71 5.99
CA THR C 125 31.54 6.90 4.84
C THR C 125 32.47 7.36 3.73
N ILE C 126 33.05 8.55 3.91
CA ILE C 126 33.98 9.11 2.95
C ILE C 126 35.33 8.41 3.06
N GLU C 127 35.54 7.70 4.17
CA GLU C 127 36.78 6.98 4.42
C GLU C 127 36.59 5.48 4.23
N LYS C 128 35.48 4.96 4.75
CA LYS C 128 35.16 3.55 4.64
C LYS C 128 34.76 3.22 3.20
N LEU C 129 34.23 4.22 2.50
CA LEU C 129 33.83 4.04 1.10
C LEU C 129 35.14 4.10 0.31
N LYS C 130 36.20 4.51 1.01
CA LYS C 130 37.55 4.60 0.44
C LYS C 130 38.34 3.42 0.97
N GLU C 131 37.72 2.68 1.89
CA GLU C 131 38.31 1.51 2.50
C GLU C 131 37.98 0.28 1.64
N LYS C 132 36.98 0.45 0.77
CA LYS C 132 36.55 -0.62 -0.12
C LYS C 132 37.04 -0.36 -1.54
N LYS C 133 37.79 0.72 -1.72
CA LYS C 133 38.31 1.07 -3.04
C LYS C 133 37.19 1.67 -3.91
N LEU C 134 36.21 2.26 -3.27
CA LEU C 134 35.09 2.87 -3.99
C LEU C 134 34.98 4.39 -3.77
N THR C 135 34.01 5.00 -4.42
CA THR C 135 33.81 6.45 -4.32
C THR C 135 32.36 6.82 -4.62
N PRO C 136 31.88 7.97 -4.10
CA PRO C 136 30.51 8.42 -4.32
C PRO C 136 30.10 8.49 -5.80
N ILE C 137 28.84 8.83 -6.05
CA ILE C 137 28.32 8.95 -7.39
C ILE C 137 28.26 10.43 -7.76
N THR C 138 29.07 10.82 -8.74
CA THR C 138 29.09 12.22 -9.17
C THR C 138 27.88 12.55 -10.03
N TYR C 139 27.61 13.85 -10.21
CA TYR C 139 26.51 14.32 -11.02
C TYR C 139 26.55 13.57 -12.34
N PRO C 140 27.69 13.63 -13.06
CA PRO C 140 27.76 12.89 -14.33
C PRO C 140 27.60 11.42 -13.95
N GLN C 141 27.00 10.62 -14.83
CA GLN C 141 26.75 9.21 -14.50
C GLN C 141 25.81 9.28 -13.30
N GLY C 142 24.54 9.45 -13.63
CA GLY C 142 23.47 9.60 -12.66
C GLY C 142 22.70 10.61 -13.48
N LEU C 143 23.48 11.43 -14.15
CA LEU C 143 22.99 12.45 -15.06
C LEU C 143 23.05 11.77 -16.42
N ALA C 144 24.06 10.91 -16.56
CA ALA C 144 24.28 10.16 -17.79
C ALA C 144 23.48 8.86 -17.73
N MET C 145 23.27 8.37 -16.52
CA MET C 145 22.51 7.14 -16.32
C MET C 145 21.10 7.43 -16.79
N ALA C 146 20.57 8.57 -16.38
CA ALA C 146 19.22 8.99 -16.76
C ALA C 146 19.14 9.04 -18.27
N LYS C 147 20.14 9.69 -18.88
CA LYS C 147 20.21 9.84 -20.32
C LYS C 147 20.44 8.49 -21.00
N GLU C 148 21.27 7.66 -20.37
CA GLU C 148 21.56 6.33 -20.89
C GLU C 148 20.26 5.55 -20.93
N ILE C 149 19.26 6.04 -20.21
CA ILE C 149 17.95 5.41 -20.13
C ILE C 149 16.91 6.12 -20.98
N GLY C 150 16.52 7.31 -20.55
CA GLY C 150 15.52 8.09 -21.25
C GLY C 150 14.73 8.85 -20.23
N ALA C 151 15.21 8.79 -18.99
CA ALA C 151 14.58 9.47 -17.86
C ALA C 151 14.18 10.89 -18.25
N VAL C 152 12.91 11.22 -17.98
CA VAL C 152 12.40 12.54 -18.29
C VAL C 152 13.04 13.57 -17.37
N LYS C 153 13.76 13.10 -16.36
CA LYS C 153 14.41 14.02 -15.43
C LYS C 153 15.36 13.30 -14.48
N TYR C 154 16.29 14.06 -13.93
CA TYR C 154 17.27 13.56 -12.97
C TYR C 154 17.36 14.54 -11.82
N LEU C 155 17.20 14.03 -10.60
CA LEU C 155 17.27 14.89 -9.44
C LEU C 155 18.00 14.18 -8.30
N GLU C 156 18.36 14.95 -7.27
CA GLU C 156 19.06 14.40 -6.12
C GLU C 156 18.48 15.01 -4.87
N CYS C 157 18.37 14.21 -3.81
CA CYS C 157 17.80 14.70 -2.57
C CYS C 157 18.16 13.87 -1.35
N SER C 158 17.87 14.43 -0.18
CA SER C 158 18.12 13.79 1.10
C SER C 158 16.83 13.81 1.91
N ALA C 159 16.37 12.63 2.33
CA ALA C 159 15.15 12.53 3.11
C ALA C 159 15.46 13.00 4.53
N LEU C 160 16.74 13.16 4.81
CA LEU C 160 17.20 13.59 6.12
C LEU C 160 17.19 15.11 6.18
N THR C 161 17.59 15.75 5.08
CA THR C 161 17.65 17.20 5.01
C THR C 161 16.50 17.78 4.22
N GLN C 162 15.72 16.91 3.57
CA GLN C 162 14.58 17.34 2.76
C GLN C 162 15.02 18.10 1.51
N ARG C 163 16.24 18.62 1.54
CA ARG C 163 16.78 19.37 0.42
C ARG C 163 16.60 18.60 -0.90
N GLY C 164 15.86 19.19 -1.82
CA GLY C 164 15.63 18.56 -3.11
C GLY C 164 14.56 17.50 -3.10
N LEU C 165 13.87 17.36 -1.98
CA LEU C 165 12.81 16.36 -1.84
C LEU C 165 11.54 16.80 -2.56
N LYS C 166 11.02 17.96 -2.14
CA LYS C 166 9.80 18.53 -2.72
C LYS C 166 9.86 18.66 -4.24
N THR C 167 11.03 19.00 -4.78
CA THR C 167 11.17 19.15 -6.23
C THR C 167 10.94 17.81 -6.96
N VAL C 168 11.42 16.73 -6.34
CA VAL C 168 11.27 15.38 -6.88
C VAL C 168 9.84 15.06 -7.29
N PHE C 169 8.89 15.34 -6.41
CA PHE C 169 7.48 15.05 -6.69
C PHE C 169 6.78 16.12 -7.54
N ASP C 170 7.25 17.36 -7.46
CA ASP C 170 6.66 18.43 -8.25
C ASP C 170 6.96 18.14 -9.72
N GLU C 171 8.12 17.52 -9.95
CA GLU C 171 8.54 17.15 -11.30
C GLU C 171 7.75 15.95 -11.80
N ALA C 172 7.56 14.95 -10.94
CA ALA C 172 6.83 13.74 -11.29
C ALA C 172 5.44 14.08 -11.82
N ILE C 173 4.85 15.12 -11.26
CA ILE C 173 3.51 15.59 -11.63
C ILE C 173 3.54 16.27 -13.00
N ARG C 174 4.57 17.10 -13.20
CA ARG C 174 4.71 17.81 -14.46
C ARG C 174 5.03 16.81 -15.57
N ALA C 175 5.82 15.79 -15.23
CA ALA C 175 6.17 14.75 -16.19
C ALA C 175 4.90 14.01 -16.59
N VAL C 176 3.86 14.12 -15.75
CA VAL C 176 2.59 13.47 -16.03
C VAL C 176 1.74 14.35 -16.94
N LEU C 177 1.15 15.40 -16.39
CA LEU C 177 0.32 16.29 -17.21
C LEU C 177 1.12 17.10 -18.22
N CYS C 178 2.42 16.82 -18.27
CA CYS C 178 3.34 17.49 -19.17
C CYS C 178 3.27 19.01 -19.07
#